data_2B2V
#
_entry.id   2B2V
#
_cell.length_a   112.255
_cell.length_b   54.177
_cell.length_c   99.960
_cell.angle_alpha   90.00
_cell.angle_beta   111.97
_cell.angle_gamma   90.00
#
_symmetry.space_group_name_H-M   'C 1 2 1'
#
loop_
_entity.id
_entity.type
_entity.pdbx_description
1 polymer 'Chromodomain-helicase-DNA-binding protein 1'
2 polymer 'Chromodomain-helicase-DNA-binding protein 1'
3 polymer 'Histone H3'
4 water water
#
loop_
_entity_poly.entity_id
_entity_poly.type
_entity_poly.pdbx_seq_one_letter_code
_entity_poly.pdbx_strand_id
1 'polypeptide(L)'
;MKKHHHHHHEEEFETIERFMDCRIGRKGATGATTTIYAVEADGDPNAGFEKNKEPGEIQYLIKWKGWSHIHNTWETEETL
KQQNVRGMKKLDNYKKKDQETKRWLKNASPEDVEYYNCQQELTDDLHKQYQIVGRIIAHSNQKSAAGYPDYYCKWQGLPY
SECSWEDGALISKKFQACIDEYFSRKK
;
A,B
2 'polypeptide(L)'
;MKKHHHHHHEEEFETIERFMDCRIGRKGATGATTTIYAVEADGDPNAGFEKNKEPGEIQYLIKWKGWSHIHNTWETEETL
KQQNVRGMKKLDNYKKKDQETKRWLKNASPEDVEY
;
C
3 'polypeptide(L)' ART(MLZ)QTARKSTGGKAY D
#
# COMPACT_ATOMS: atom_id res chain seq x y z
N GLU A 12 -8.95 -17.09 4.61
CA GLU A 12 -8.39 -18.22 5.33
C GLU A 12 -7.62 -19.15 4.38
N PHE A 13 -6.32 -19.24 4.58
CA PHE A 13 -5.67 -18.67 5.80
C PHE A 13 -4.74 -17.51 5.48
N GLU A 14 -4.07 -16.98 6.52
CA GLU A 14 -3.35 -15.70 6.39
C GLU A 14 -1.99 -15.81 5.69
N THR A 15 -1.41 -14.68 5.31
CA THR A 15 -0.21 -14.68 4.48
C THR A 15 0.82 -13.65 4.94
N ILE A 16 2.08 -14.07 5.09
CA ILE A 16 3.17 -13.12 5.37
C ILE A 16 3.37 -12.16 4.20
N GLU A 17 3.26 -10.87 4.47
CA GLU A 17 3.63 -9.86 3.49
C GLU A 17 5.02 -9.34 3.77
N ARG A 18 5.28 -8.95 5.00
CA ARG A 18 6.59 -8.40 5.31
C ARG A 18 7.03 -8.61 6.74
N PHE A 19 8.28 -9.03 6.88
CA PHE A 19 8.98 -9.04 8.16
C PHE A 19 9.49 -7.63 8.55
N MET A 20 8.91 -7.04 9.58
CA MET A 20 9.28 -5.69 9.99
C MET A 20 10.43 -5.64 10.98
N ASP A 21 10.61 -6.70 11.77
CA ASP A 21 11.56 -6.67 12.90
C ASP A 21 11.83 -8.04 13.50
N CYS A 22 12.78 -8.06 14.40
CA CYS A 22 13.31 -9.27 14.91
C CYS A 22 13.66 -9.06 16.38
N ARG A 23 13.28 -9.98 17.24
CA ARG A 23 13.64 -9.86 18.67
C ARG A 23 13.75 -11.18 19.42
N ILE A 24 14.20 -11.06 20.66
CA ILE A 24 14.04 -12.14 21.63
C ILE A 24 13.09 -11.65 22.72
N GLY A 25 12.07 -12.45 23.03
CA GLY A 25 11.19 -12.11 24.15
C GLY A 25 10.61 -13.31 24.88
N ARG A 26 9.80 -13.04 25.90
CA ARG A 26 9.14 -14.09 26.66
C ARG A 26 8.60 -15.19 25.76
N LYS A 27 8.84 -16.45 26.11
CA LYS A 27 8.20 -17.55 25.38
C LYS A 27 6.71 -17.30 25.50
N GLY A 28 5.94 -17.59 24.45
CA GLY A 28 4.52 -17.32 24.50
C GLY A 28 4.10 -15.89 24.18
N ALA A 29 5.01 -14.91 24.22
CA ALA A 29 4.61 -13.53 23.87
C ALA A 29 4.57 -13.41 22.35
N THR A 30 3.48 -13.91 21.79
CA THR A 30 3.30 -13.98 20.38
C THR A 30 1.82 -13.91 20.16
N GLY A 31 1.40 -13.43 18.98
CA GLY A 31 0.02 -13.61 18.58
C GLY A 31 -0.79 -12.38 18.85
N ALA A 32 -2.09 -12.57 18.90
CA ALA A 32 -3.04 -11.48 19.02
C ALA A 32 -2.77 -10.56 20.20
N THR A 33 -2.47 -11.16 21.33
CA THR A 33 -2.10 -10.41 22.52
C THR A 33 -0.95 -9.42 22.26
N THR A 34 -0.28 -9.55 21.10
CA THR A 34 0.94 -8.76 20.86
C THR A 34 0.79 -7.61 19.89
N THR A 35 -0.43 -7.14 19.64
CA THR A 35 -0.66 -5.97 18.80
C THR A 35 -0.63 -4.69 19.64
N ILE A 36 -0.48 -3.50 19.01
CA ILE A 36 -0.44 -2.25 19.82
C ILE A 36 -1.74 -2.03 20.50
N TYR A 37 -2.84 -2.35 19.82
CA TYR A 37 -4.12 -2.13 20.44
C TYR A 37 -4.34 -3.14 21.59
N ALA A 38 -4.08 -4.41 21.34
CA ALA A 38 -4.17 -5.40 22.43
C ALA A 38 -3.30 -5.02 23.60
N VAL A 39 -2.22 -4.31 23.33
CA VAL A 39 -1.16 -4.11 24.31
C VAL A 39 -1.44 -2.89 25.11
N GLU A 40 -2.03 -1.88 24.47
CA GLU A 40 -2.45 -0.67 25.15
C GLU A 40 -3.61 -1.00 26.09
N ALA A 41 -4.48 -1.90 25.65
CA ALA A 41 -5.70 -2.27 26.39
C ALA A 41 -5.43 -3.18 27.57
N ASP A 42 -4.34 -3.92 27.49
CA ASP A 42 -4.18 -5.09 28.37
C ASP A 42 -2.77 -5.30 28.88
N GLY A 43 -1.78 -4.79 28.16
CA GLY A 43 -0.41 -4.78 28.62
C GLY A 43 0.43 -5.76 27.85
N ASP A 44 1.74 -5.63 27.97
CA ASP A 44 2.60 -6.35 27.08
C ASP A 44 2.87 -7.78 27.58
N PRO A 45 2.44 -8.81 26.84
CA PRO A 45 2.79 -10.17 27.28
C PRO A 45 4.29 -10.34 27.46
N ASN A 46 5.07 -9.61 26.67
CA ASN A 46 6.50 -9.52 26.87
C ASN A 46 6.82 -8.57 28.03
N ALA A 47 5.86 -8.47 28.95
CA ALA A 47 5.81 -7.41 30.01
C ALA A 47 7.09 -6.66 30.18
N GLY A 48 7.90 -7.07 31.15
CA GLY A 48 9.21 -6.45 31.38
C GLY A 48 10.24 -7.54 31.25
N PHE A 49 10.58 -7.86 30.01
CA PHE A 49 11.40 -9.00 29.73
C PHE A 49 12.87 -8.61 29.60
N GLU A 50 13.64 -8.88 30.65
CA GLU A 50 15.10 -8.87 30.61
C GLU A 50 15.56 -10.06 29.77
N LYS A 51 16.52 -9.86 28.86
CA LYS A 51 17.13 -11.01 28.20
C LYS A 51 17.28 -12.00 29.30
N ASN A 52 16.94 -11.58 30.52
CA ASN A 52 17.41 -12.26 31.72
C ASN A 52 16.26 -12.76 32.57
N LYS A 53 15.13 -13.04 31.93
CA LYS A 53 14.33 -14.19 32.27
C LYS A 53 14.67 -15.24 31.20
N GLU A 54 14.55 -16.52 31.53
CA GLU A 54 14.96 -17.62 30.65
C GLU A 54 14.86 -17.22 29.20
N PRO A 55 15.92 -17.45 28.45
CA PRO A 55 15.96 -16.76 27.18
C PRO A 55 14.65 -16.93 26.47
N GLY A 56 14.03 -15.83 26.04
CA GLY A 56 12.87 -15.94 25.19
C GLY A 56 13.21 -16.82 24.01
N GLU A 57 12.60 -16.51 22.88
CA GLU A 57 12.84 -17.26 21.68
C GLU A 57 13.09 -16.17 20.69
N ILE A 58 13.65 -16.52 19.54
CA ILE A 58 13.69 -15.56 18.47
C ILE A 58 12.24 -15.45 17.98
N GLN A 59 11.78 -14.20 17.95
CA GLN A 59 10.43 -13.83 17.56
C GLN A 59 10.55 -12.79 16.44
N TYR A 60 9.57 -12.79 15.54
CA TYR A 60 9.59 -11.93 14.36
C TYR A 60 8.31 -11.10 14.25
N LEU A 61 8.45 -9.86 13.84
CA LEU A 61 7.30 -8.97 13.81
C LEU A 61 6.68 -9.00 12.45
N ILE A 62 5.45 -9.48 12.40
CA ILE A 62 4.88 -9.76 11.13
C ILE A 62 3.82 -8.82 10.70
N LYS A 63 4.01 -8.39 9.46
CA LYS A 63 3.07 -7.59 8.71
C LYS A 63 2.37 -8.50 7.67
N TRP A 64 1.04 -8.54 7.82
CA TRP A 64 0.14 -9.48 7.17
C TRP A 64 -0.57 -8.95 5.91
N LYS A 65 -0.74 -9.82 4.92
CA LYS A 65 -1.46 -9.52 3.69
C LYS A 65 -2.89 -9.09 3.94
N GLY A 66 -3.23 -7.89 3.49
CA GLY A 66 -4.60 -7.37 3.65
C GLY A 66 -4.97 -6.85 5.02
N TRP A 67 -3.98 -6.57 5.85
CA TRP A 67 -4.23 -6.10 7.22
C TRP A 67 -3.31 -4.91 7.50
N SER A 68 -3.81 -3.82 8.02
CA SER A 68 -2.91 -2.72 8.30
C SER A 68 -1.83 -3.13 9.27
N HIS A 69 -0.77 -2.33 9.32
CA HIS A 69 0.34 -2.40 10.28
C HIS A 69 -0.08 -2.30 11.78
N ILE A 70 -1.29 -1.84 11.97
CA ILE A 70 -1.81 -1.73 13.30
C ILE A 70 -2.04 -3.11 13.80
N HIS A 71 -2.32 -4.01 12.90
CA HIS A 71 -2.55 -5.39 13.28
C HIS A 71 -1.35 -6.32 13.26
N ASN A 72 -0.12 -5.78 13.24
CA ASN A 72 1.07 -6.66 13.16
C ASN A 72 1.17 -7.50 14.43
N THR A 73 1.75 -8.68 14.29
CA THR A 73 1.96 -9.53 15.45
C THR A 73 3.35 -10.11 15.47
N TRP A 74 3.82 -10.36 16.69
CA TRP A 74 5.09 -11.00 16.84
C TRP A 74 4.82 -12.49 16.81
N GLU A 75 5.64 -13.19 16.06
CA GLU A 75 5.41 -14.60 15.84
C GLU A 75 6.74 -15.34 15.74
N THR A 76 6.80 -16.57 16.25
CA THR A 76 7.98 -17.42 16.05
C THR A 76 7.82 -18.34 14.87
N GLU A 77 8.94 -18.73 14.31
CA GLU A 77 8.95 -19.81 13.35
C GLU A 77 7.92 -20.89 13.66
N GLU A 78 7.69 -21.15 14.93
CA GLU A 78 6.76 -22.22 15.26
C GLU A 78 5.31 -21.82 15.20
N THR A 79 4.93 -20.71 15.83
CA THR A 79 3.55 -20.24 15.65
C THR A 79 3.17 -20.16 14.17
N LEU A 80 4.04 -19.58 13.35
CA LEU A 80 3.79 -19.48 11.91
C LEU A 80 3.43 -20.83 11.34
N LYS A 81 4.37 -21.76 11.45
CA LYS A 81 4.13 -23.12 10.99
C LYS A 81 2.83 -23.65 11.59
N GLN A 82 2.62 -23.39 12.87
CA GLN A 82 1.42 -23.88 13.53
C GLN A 82 0.17 -23.30 12.88
N GLN A 83 0.05 -21.97 12.85
CA GLN A 83 -1.09 -21.28 12.25
C GLN A 83 -1.22 -21.52 10.76
N ASN A 84 -0.35 -22.34 10.21
CA ASN A 84 -0.46 -22.67 8.80
C ASN A 84 -0.50 -21.48 7.81
N VAL A 85 0.22 -20.42 8.09
CA VAL A 85 0.21 -19.28 7.20
C VAL A 85 0.98 -19.54 5.92
N ARG A 86 0.71 -18.72 4.91
CA ARG A 86 1.43 -18.72 3.66
C ARG A 86 2.47 -17.60 3.61
N GLY A 87 3.52 -17.80 2.81
CA GLY A 87 4.68 -16.89 2.78
C GLY A 87 5.90 -17.41 3.52
N MET A 88 5.83 -18.64 4.01
CA MET A 88 6.94 -19.25 4.73
C MET A 88 8.29 -19.05 4.01
N LYS A 89 8.32 -19.19 2.70
CA LYS A 89 9.53 -18.93 1.95
C LYS A 89 10.19 -17.69 2.51
N LYS A 90 9.38 -16.70 2.87
CA LYS A 90 9.89 -15.39 3.29
C LYS A 90 10.61 -15.39 4.61
N LEU A 91 10.42 -16.43 5.40
CA LEU A 91 11.18 -16.59 6.64
C LEU A 91 12.62 -17.06 6.35
N ASP A 92 12.80 -17.80 5.29
CA ASP A 92 14.14 -18.23 4.97
C ASP A 92 14.94 -17.06 4.41
N ASN A 93 14.40 -16.39 3.40
CA ASN A 93 15.07 -15.20 2.89
C ASN A 93 15.37 -14.22 4.04
N TYR A 94 14.45 -14.04 4.96
CA TYR A 94 14.68 -13.04 5.98
C TYR A 94 15.88 -13.45 6.81
N LYS A 95 15.97 -14.74 7.08
CA LYS A 95 17.06 -15.24 7.83
C LYS A 95 18.34 -15.21 7.00
N LYS A 96 18.31 -15.76 5.80
CA LYS A 96 19.52 -15.73 5.00
C LYS A 96 20.02 -14.30 4.94
N LYS A 97 19.08 -13.38 4.77
CA LYS A 97 19.48 -12.02 4.57
C LYS A 97 20.02 -11.45 5.86
N ASP A 98 19.38 -11.84 6.96
CA ASP A 98 19.84 -11.36 8.26
C ASP A 98 21.26 -11.85 8.53
N GLN A 99 21.55 -13.08 8.14
CA GLN A 99 22.87 -13.62 8.30
C GLN A 99 23.84 -12.85 7.44
N GLU A 100 23.45 -12.55 6.20
CA GLU A 100 24.38 -11.91 5.30
C GLU A 100 24.81 -10.56 5.84
N THR A 101 23.84 -9.81 6.36
CA THR A 101 24.18 -8.55 6.97
C THR A 101 25.23 -8.84 8.06
N LYS A 102 24.87 -9.65 9.04
CA LYS A 102 25.73 -9.77 10.19
C LYS A 102 27.16 -10.04 9.69
N ARG A 103 27.31 -10.97 8.77
CA ARG A 103 28.64 -11.38 8.33
C ARG A 103 29.38 -10.18 7.78
N TRP A 104 28.69 -9.32 7.03
CA TRP A 104 29.40 -8.21 6.40
C TRP A 104 29.60 -7.11 7.40
N LEU A 105 29.15 -7.30 8.63
CA LEU A 105 29.30 -6.23 9.59
C LEU A 105 30.03 -6.65 10.87
N LYS A 106 30.47 -7.90 10.89
CA LYS A 106 31.38 -8.36 11.93
C LYS A 106 32.45 -7.32 12.14
N ASN A 107 33.23 -7.01 11.10
CA ASN A 107 34.27 -5.98 11.26
C ASN A 107 34.09 -4.80 10.34
N ALA A 108 33.63 -3.70 10.91
CA ALA A 108 33.35 -2.54 10.14
C ALA A 108 33.82 -1.39 11.00
N SER A 109 34.15 -0.25 10.40
CA SER A 109 34.54 0.89 11.21
C SER A 109 33.58 0.87 12.39
N PRO A 110 33.95 1.58 13.46
CA PRO A 110 32.90 2.06 14.34
C PRO A 110 31.93 3.00 13.59
N GLU A 111 32.47 3.73 12.62
CA GLU A 111 31.69 4.56 11.73
C GLU A 111 30.60 3.74 10.99
N ASP A 112 30.99 2.64 10.39
CA ASP A 112 30.04 1.73 9.74
C ASP A 112 28.98 1.25 10.73
N VAL A 113 29.43 0.83 11.91
CA VAL A 113 28.52 0.38 12.96
C VAL A 113 27.68 1.51 13.50
N GLU A 114 28.27 2.70 13.60
CA GLU A 114 27.49 3.83 14.03
C GLU A 114 26.37 4.07 13.01
N TYR A 115 26.75 4.19 11.74
CA TYR A 115 25.81 4.52 10.69
C TYR A 115 24.66 3.54 10.77
N TYR A 116 24.98 2.26 10.88
CA TYR A 116 23.96 1.22 10.82
C TYR A 116 22.94 1.34 11.96
N ASN A 117 23.38 1.78 13.11
CA ASN A 117 22.46 1.96 14.23
C ASN A 117 21.57 3.18 14.09
N CYS A 118 22.09 4.33 13.63
CA CYS A 118 21.18 5.47 13.35
C CYS A 118 20.23 5.11 12.23
N GLN A 119 20.81 4.86 11.07
CA GLN A 119 20.06 4.54 9.87
C GLN A 119 19.09 3.39 10.04
N GLN A 120 19.04 2.83 11.24
CA GLN A 120 18.12 1.75 11.48
C GLN A 120 17.16 2.17 12.58
N GLU A 121 17.57 3.15 13.38
CA GLU A 121 16.64 3.74 14.32
C GLU A 121 15.66 4.56 13.52
N LEU A 122 16.13 5.15 12.41
CA LEU A 122 15.29 5.94 11.50
C LEU A 122 14.09 5.16 11.00
N THR A 123 14.38 4.09 10.26
CA THR A 123 13.36 3.14 9.83
C THR A 123 12.52 2.62 10.98
N ASP A 124 13.17 2.19 12.05
CA ASP A 124 12.42 1.59 13.14
C ASP A 124 11.30 2.53 13.49
N ASP A 125 11.66 3.80 13.68
CA ASP A 125 10.69 4.83 14.03
C ASP A 125 9.71 5.10 12.90
N LEU A 126 10.20 5.28 11.70
CA LEU A 126 9.32 5.31 10.55
C LEU A 126 8.18 4.30 10.59
N HIS A 127 8.53 3.02 10.77
CA HIS A 127 7.56 1.93 10.72
C HIS A 127 6.45 1.99 11.76
N LYS A 128 6.77 2.64 12.88
CA LYS A 128 5.83 2.81 13.96
C LYS A 128 4.74 3.75 13.52
N GLN A 129 5.04 4.64 12.58
CA GLN A 129 4.06 5.63 12.17
C GLN A 129 2.91 5.05 11.35
N TYR A 130 3.22 3.98 10.60
CA TYR A 130 2.23 3.24 9.84
C TYR A 130 1.11 2.85 10.76
N GLN A 131 1.41 2.58 12.00
CA GLN A 131 0.35 2.22 12.95
C GLN A 131 -0.53 3.36 13.45
N ILE A 132 -0.23 4.61 13.10
CA ILE A 132 -1.07 5.68 13.58
C ILE A 132 -1.81 6.45 12.45
N VAL A 133 -3.07 6.71 12.71
CA VAL A 133 -3.94 7.35 11.75
C VAL A 133 -3.70 8.87 11.69
N GLY A 134 -3.28 9.39 10.55
CA GLY A 134 -3.06 10.84 10.41
C GLY A 134 -4.32 11.56 9.91
N ARG A 135 -5.22 10.76 9.36
CA ARG A 135 -6.51 11.21 8.92
C ARG A 135 -7.48 10.09 8.59
N ILE A 136 -8.63 10.16 9.26
CA ILE A 136 -9.90 9.55 8.83
C ILE A 136 -10.54 10.26 7.62
N ILE A 137 -10.80 9.50 6.55
CA ILE A 137 -11.37 10.17 5.36
C ILE A 137 -12.82 9.80 4.99
N ALA A 138 -13.34 8.73 5.58
CA ALA A 138 -14.72 8.34 5.29
C ALA A 138 -15.30 7.42 6.37
N HIS A 139 -16.61 7.35 6.55
CA HIS A 139 -17.14 6.28 7.41
C HIS A 139 -18.31 5.45 6.88
N SER A 140 -18.70 4.47 7.67
CA SER A 140 -19.65 3.48 7.20
C SER A 140 -21.08 3.86 7.53
N ASN A 141 -21.99 3.58 6.59
CA ASN A 141 -23.41 3.81 6.83
C ASN A 141 -24.00 2.76 7.75
N GLN A 142 -23.38 1.61 7.84
CA GLN A 142 -23.83 0.61 8.81
C GLN A 142 -23.05 0.79 10.10
N LYS A 143 -23.65 0.42 11.21
CA LYS A 143 -22.96 0.52 12.51
C LYS A 143 -22.95 -0.78 13.34
N SER A 144 -21.97 -0.91 14.22
CA SER A 144 -21.87 -2.10 15.06
C SER A 144 -23.09 -2.11 15.95
N ALA A 145 -23.26 -3.14 16.75
CA ALA A 145 -24.37 -3.15 17.71
C ALA A 145 -24.10 -2.10 18.78
N ALA A 146 -22.82 -1.89 19.08
CA ALA A 146 -22.41 -0.86 20.01
C ALA A 146 -22.66 0.52 19.41
N GLY A 147 -22.88 0.56 18.11
CA GLY A 147 -23.19 1.80 17.43
C GLY A 147 -21.98 2.54 16.91
N TYR A 148 -20.86 1.83 16.75
CA TYR A 148 -19.70 2.39 16.07
C TYR A 148 -19.78 2.08 14.57
N PRO A 149 -19.55 3.10 13.73
CA PRO A 149 -19.24 2.92 12.31
C PRO A 149 -17.80 2.48 12.08
N ASP A 150 -17.45 2.09 10.86
CA ASP A 150 -16.05 1.73 10.60
C ASP A 150 -15.45 2.91 9.93
N TYR A 151 -14.15 3.05 9.99
CA TYR A 151 -13.58 4.23 9.39
C TYR A 151 -12.52 3.92 8.33
N TYR A 152 -12.62 4.60 7.20
CA TYR A 152 -11.53 4.62 6.23
C TYR A 152 -10.40 5.47 6.76
N CYS A 153 -9.26 4.82 6.99
CA CYS A 153 -8.13 5.48 7.64
C CYS A 153 -6.97 5.78 6.70
N LYS A 154 -6.44 7.00 6.82
CA LYS A 154 -5.16 7.34 6.22
C LYS A 154 -4.07 7.31 7.28
N TRP A 155 -3.13 6.38 7.08
CA TRP A 155 -2.07 6.07 8.03
C TRP A 155 -0.87 6.95 7.82
N GLN A 156 -0.26 7.37 8.91
CA GLN A 156 0.94 8.18 8.77
C GLN A 156 2.03 7.38 8.09
N GLY A 157 2.58 7.98 7.05
CA GLY A 157 3.80 7.48 6.43
C GLY A 157 3.51 6.73 5.16
N LEU A 158 2.22 6.49 4.88
CA LEU A 158 1.84 5.71 3.71
C LEU A 158 0.79 6.37 2.81
N PRO A 159 0.94 6.17 1.49
CA PRO A 159 0.10 6.70 0.42
C PRO A 159 -1.34 6.25 0.57
N TYR A 160 -2.24 6.92 -0.11
CA TYR A 160 -3.64 6.66 0.08
C TYR A 160 -4.04 5.29 -0.48
N SER A 161 -3.17 4.69 -1.27
CA SER A 161 -3.43 3.36 -1.80
C SER A 161 -3.31 2.40 -0.66
N GLU A 162 -2.77 2.89 0.44
CA GLU A 162 -2.66 2.08 1.66
C GLU A 162 -3.77 2.39 2.69
N CYS A 163 -4.71 3.27 2.38
CA CYS A 163 -5.80 3.54 3.30
C CYS A 163 -6.56 2.22 3.47
N SER A 164 -7.27 2.07 4.60
CA SER A 164 -8.05 0.85 4.85
C SER A 164 -9.16 1.09 5.88
N TRP A 165 -10.10 0.15 5.96
CA TRP A 165 -11.29 0.34 6.80
C TRP A 165 -11.00 -0.26 8.13
N GLU A 166 -11.03 0.56 9.16
CA GLU A 166 -10.72 0.02 10.45
C GLU A 166 -11.96 -0.04 11.32
N ASP A 167 -12.05 -1.07 12.16
CA ASP A 167 -13.16 -1.18 13.12
C ASP A 167 -13.33 0.10 13.94
N GLY A 168 -14.56 0.61 13.98
CA GLY A 168 -14.86 1.85 14.68
C GLY A 168 -14.48 1.91 16.15
N ALA A 169 -14.73 0.83 16.89
CA ALA A 169 -14.37 0.77 18.30
C ALA A 169 -12.85 0.78 18.48
N LEU A 170 -12.19 0.01 17.61
CA LEU A 170 -10.74 -0.14 17.66
C LEU A 170 -10.07 1.24 17.67
N ILE A 171 -10.29 1.97 16.58
CA ILE A 171 -9.84 3.35 16.38
C ILE A 171 -10.17 4.33 17.52
N SER A 172 -11.44 4.42 17.87
CA SER A 172 -11.92 5.38 18.86
C SER A 172 -11.14 5.27 20.17
N LYS A 173 -10.79 4.05 20.55
CA LYS A 173 -9.94 3.86 21.73
C LYS A 173 -8.65 4.70 21.67
N LYS A 174 -8.13 5.01 20.50
CA LYS A 174 -6.86 5.72 20.43
C LYS A 174 -6.84 7.00 19.54
N PHE A 175 -7.83 7.14 18.68
CA PHE A 175 -7.78 8.16 17.64
C PHE A 175 -9.08 8.93 17.61
N GLN A 176 -9.77 8.90 18.74
CA GLN A 176 -10.97 9.66 18.92
C GLN A 176 -10.79 11.09 18.40
N ALA A 177 -9.58 11.64 18.54
CA ALA A 177 -9.31 13.00 18.10
C ALA A 177 -9.44 13.11 16.61
N CYS A 178 -8.89 12.13 15.92
CA CYS A 178 -8.99 12.10 14.48
C CYS A 178 -10.45 11.97 14.12
N ILE A 179 -11.18 11.25 14.96
CA ILE A 179 -12.59 11.02 14.70
C ILE A 179 -13.36 12.32 14.90
N ASP A 180 -13.25 12.90 16.09
CA ASP A 180 -13.90 14.17 16.36
C ASP A 180 -13.56 15.16 15.25
N GLU A 181 -12.36 15.08 14.71
CA GLU A 181 -11.93 16.07 13.73
C GLU A 181 -12.56 15.86 12.36
N TYR A 182 -12.73 14.60 11.98
CA TYR A 182 -13.39 14.26 10.72
C TYR A 182 -14.83 14.74 10.65
N PHE A 183 -15.62 14.36 11.65
CA PHE A 183 -16.98 14.93 11.85
C PHE A 183 -17.00 16.45 11.99
N SER A 184 -15.98 17.03 12.60
CA SER A 184 -15.94 18.47 12.78
C SER A 184 -15.86 19.19 11.45
N ARG A 185 -15.01 18.69 10.55
CA ARG A 185 -14.96 19.20 9.17
C ARG A 185 -16.29 18.83 8.48
N LYS A 186 -17.23 18.31 9.27
CA LYS A 186 -18.55 17.90 8.83
C LYS A 186 -18.45 16.58 8.08
N PHE B 13 9.17 -16.60 -14.31
CA PHE B 13 10.14 -15.57 -13.95
C PHE B 13 9.59 -14.55 -12.98
N GLU B 14 9.00 -13.48 -13.47
CA GLU B 14 8.82 -12.29 -12.61
C GLU B 14 7.51 -12.25 -11.85
N THR B 15 7.56 -11.68 -10.65
CA THR B 15 6.33 -11.53 -9.89
C THR B 15 6.25 -10.14 -9.24
N ILE B 16 5.12 -9.45 -9.41
CA ILE B 16 5.11 -8.11 -8.91
C ILE B 16 4.88 -8.15 -7.42
N GLU B 17 5.39 -7.13 -6.75
CA GLU B 17 5.40 -7.10 -5.32
C GLU B 17 4.56 -5.93 -4.82
N ARG B 18 4.76 -4.72 -5.38
CA ARG B 18 3.98 -3.55 -5.00
C ARG B 18 3.74 -2.68 -6.20
N PHE B 19 2.51 -2.24 -6.39
CA PHE B 19 2.19 -1.21 -7.39
C PHE B 19 2.56 0.17 -6.84
N MET B 20 3.47 0.88 -7.50
CA MET B 20 3.99 2.14 -6.94
C MET B 20 3.30 3.39 -7.44
N ASP B 21 2.85 3.41 -8.69
CA ASP B 21 2.26 4.60 -9.30
C ASP B 21 1.53 4.19 -10.57
N CYS B 22 0.71 5.07 -11.12
CA CYS B 22 0.22 4.83 -12.46
C CYS B 22 -0.02 6.16 -13.15
N ARG B 23 0.09 6.10 -14.46
CA ARG B 23 0.09 7.27 -15.29
C ARG B 23 -0.64 6.93 -16.57
N ILE B 24 -1.05 7.96 -17.29
CA ILE B 24 -1.43 7.78 -18.67
C ILE B 24 -0.16 8.13 -19.42
N GLY B 25 0.29 7.22 -20.28
CA GLY B 25 1.56 7.41 -20.97
C GLY B 25 1.55 6.93 -22.41
N ARG B 26 2.41 7.54 -23.23
CA ARG B 26 2.67 7.06 -24.60
C ARG B 26 2.53 5.54 -24.68
N LYS B 27 2.20 5.03 -25.86
CA LYS B 27 1.99 3.60 -26.01
C LYS B 27 3.31 2.96 -26.31
N GLY B 28 3.80 2.13 -25.42
CA GLY B 28 5.05 1.42 -25.64
C GLY B 28 6.17 1.92 -24.75
N ALA B 29 5.91 3.01 -24.04
CA ALA B 29 6.85 3.52 -23.06
C ALA B 29 6.55 2.73 -21.79
N THR B 30 6.66 1.43 -21.96
CA THR B 30 6.58 0.52 -20.86
C THR B 30 7.75 -0.40 -20.96
N GLY B 31 8.30 -0.76 -19.81
CA GLY B 31 9.18 -1.88 -19.73
C GLY B 31 10.61 -1.49 -19.46
N ALA B 32 11.48 -2.39 -19.94
CA ALA B 32 12.91 -2.31 -19.73
C ALA B 32 13.45 -0.90 -19.92
N THR B 33 12.98 -0.16 -20.92
CA THR B 33 13.58 1.14 -21.23
C THR B 33 13.07 2.28 -20.37
N THR B 34 12.31 1.93 -19.35
CA THR B 34 11.76 2.94 -18.46
C THR B 34 12.45 2.92 -17.13
N THR B 35 13.56 2.18 -16.96
CA THR B 35 14.23 2.12 -15.66
C THR B 35 14.97 3.42 -15.44
N ILE B 36 15.00 3.88 -14.19
CA ILE B 36 15.63 5.17 -13.87
C ILE B 36 16.96 5.32 -14.56
N TYR B 37 17.62 4.19 -14.85
CA TYR B 37 18.98 4.26 -15.37
C TYR B 37 19.04 4.19 -16.89
N ALA B 38 18.05 3.54 -17.48
CA ALA B 38 17.92 3.52 -18.93
C ALA B 38 17.55 4.92 -19.33
N VAL B 39 16.51 5.46 -18.69
CA VAL B 39 16.08 6.81 -18.97
C VAL B 39 17.29 7.70 -18.99
N GLU B 40 18.08 7.56 -17.94
CA GLU B 40 19.27 8.36 -17.72
C GLU B 40 20.27 8.14 -18.86
N ALA B 41 20.34 6.92 -19.37
CA ALA B 41 21.35 6.54 -20.35
C ALA B 41 20.92 6.68 -21.81
N ASP B 42 19.62 6.65 -22.06
CA ASP B 42 19.17 6.62 -23.44
C ASP B 42 18.17 7.73 -23.70
N GLY B 43 17.34 8.02 -22.70
CA GLY B 43 16.26 8.96 -22.87
C GLY B 43 14.96 8.33 -22.40
N ASP B 44 13.85 9.02 -22.60
CA ASP B 44 12.62 8.62 -21.95
C ASP B 44 11.49 8.41 -22.96
N PRO B 45 11.15 7.15 -23.22
CA PRO B 45 10.13 6.80 -24.21
C PRO B 45 8.80 7.52 -23.97
N ASN B 46 8.59 8.07 -22.78
CA ASN B 46 7.34 8.77 -22.45
C ASN B 46 7.57 10.29 -22.45
N ALA B 47 8.72 10.72 -22.96
CA ALA B 47 9.12 12.10 -22.80
C ALA B 47 8.04 13.10 -23.26
N GLY B 48 7.93 13.28 -24.58
CA GLY B 48 7.10 14.35 -25.13
C GLY B 48 5.60 14.25 -24.88
N PHE B 49 5.16 13.11 -24.35
CA PHE B 49 3.74 12.76 -24.32
C PHE B 49 2.71 13.86 -24.11
N GLU B 50 1.75 13.87 -25.03
CA GLU B 50 0.69 14.87 -25.16
C GLU B 50 1.06 16.36 -24.97
N LYS B 51 2.01 16.81 -25.78
CA LYS B 51 2.06 18.23 -26.19
C LYS B 51 1.46 18.22 -27.59
N ASN B 52 0.14 18.39 -27.60
CA ASN B 52 -0.80 17.55 -28.38
C ASN B 52 -0.47 17.15 -29.84
N LYS B 53 -0.75 15.88 -30.18
CA LYS B 53 -1.49 14.94 -29.30
C LYS B 53 -1.54 13.49 -29.87
N GLU B 54 -1.60 12.49 -28.99
CA GLU B 54 -1.56 11.11 -29.45
C GLU B 54 -2.23 10.14 -28.49
N PRO B 55 -2.29 8.87 -28.90
CA PRO B 55 -2.99 7.80 -28.18
C PRO B 55 -2.32 7.36 -26.85
N GLY B 56 -3.13 7.29 -25.79
CA GLY B 56 -2.63 6.98 -24.44
C GLY B 56 -2.82 5.55 -23.95
N GLU B 57 -2.29 5.27 -22.78
CA GLU B 57 -2.24 3.90 -22.26
C GLU B 57 -2.06 4.05 -20.77
N ILE B 58 -3.01 3.53 -19.99
CA ILE B 58 -2.88 3.60 -18.52
C ILE B 58 -1.76 2.65 -18.04
N GLN B 59 -0.74 3.21 -17.40
CA GLN B 59 0.45 2.41 -17.10
C GLN B 59 0.78 2.47 -15.63
N TYR B 60 1.15 1.29 -15.12
CA TYR B 60 1.40 1.07 -13.72
C TYR B 60 2.88 0.98 -13.47
N LEU B 61 3.34 1.47 -12.34
CA LEU B 61 4.75 1.47 -12.02
C LEU B 61 5.00 0.36 -11.03
N ILE B 62 5.87 -0.57 -11.43
CA ILE B 62 5.95 -1.80 -10.72
C ILE B 62 7.22 -1.90 -9.94
N LYS B 63 7.09 -2.35 -8.70
CA LYS B 63 8.22 -2.85 -7.95
C LYS B 63 8.18 -4.39 -7.94
N TRP B 64 9.30 -4.97 -8.38
CA TRP B 64 9.44 -6.41 -8.60
C TRP B 64 10.03 -7.17 -7.41
N LYS B 65 9.53 -8.38 -7.19
CA LYS B 65 10.09 -9.18 -6.12
C LYS B 65 11.53 -9.51 -6.53
N GLY B 66 12.45 -9.34 -5.60
CA GLY B 66 13.84 -9.68 -5.85
C GLY B 66 14.69 -8.58 -6.43
N TRP B 67 14.12 -7.50 -6.93
CA TRP B 67 14.95 -6.40 -7.46
C TRP B 67 14.80 -5.18 -6.64
N SER B 68 15.85 -4.39 -6.53
CA SER B 68 15.73 -3.11 -5.86
C SER B 68 14.89 -2.16 -6.69
N HIS B 69 14.37 -1.14 -6.02
CA HIS B 69 13.53 -0.09 -6.62
C HIS B 69 14.24 0.61 -7.75
N ILE B 70 15.55 0.53 -7.76
CA ILE B 70 16.29 1.08 -8.90
C ILE B 70 15.91 0.36 -10.23
N HIS B 71 15.13 -0.71 -10.15
CA HIS B 71 14.76 -1.43 -11.38
C HIS B 71 13.27 -1.47 -11.70
N ASN B 72 12.51 -0.62 -11.01
CA ASN B 72 11.09 -0.48 -11.28
C ASN B 72 10.93 -0.12 -12.74
N THR B 73 9.84 -0.59 -13.34
CA THR B 73 9.56 -0.37 -14.73
C THR B 73 8.11 0.04 -14.82
N TRP B 74 7.73 0.70 -15.90
CA TRP B 74 6.31 0.97 -16.11
C TRP B 74 5.72 -0.11 -16.99
N GLU B 75 4.51 -0.53 -16.65
CA GLU B 75 3.86 -1.59 -17.40
C GLU B 75 2.34 -1.41 -17.58
N THR B 76 1.82 -2.30 -18.41
CA THR B 76 0.51 -2.20 -19.01
C THR B 76 -0.25 -3.41 -18.51
N GLU B 77 -1.58 -3.36 -18.33
CA GLU B 77 -2.29 -4.55 -17.85
C GLU B 77 -2.04 -5.79 -18.73
N GLU B 78 -1.53 -5.56 -19.95
CA GLU B 78 -1.23 -6.63 -20.91
C GLU B 78 0.23 -7.09 -20.82
N THR B 79 1.18 -6.25 -21.27
CA THR B 79 2.62 -6.57 -21.16
C THR B 79 2.83 -7.53 -20.01
N LEU B 80 2.13 -7.28 -18.91
CA LEU B 80 2.18 -8.13 -17.72
C LEU B 80 1.77 -9.55 -18.03
N LYS B 81 0.54 -9.72 -18.53
CA LYS B 81 0.05 -11.01 -19.04
C LYS B 81 0.95 -11.50 -20.16
N GLN B 82 1.15 -10.65 -21.16
CA GLN B 82 2.06 -10.95 -22.24
C GLN B 82 3.46 -11.27 -21.74
N GLN B 83 3.63 -11.43 -20.42
CA GLN B 83 4.94 -11.81 -19.87
C GLN B 83 4.88 -12.88 -18.79
N ASN B 84 3.69 -13.41 -18.49
CA ASN B 84 3.50 -14.52 -17.52
C ASN B 84 3.66 -14.15 -16.05
N VAL B 85 3.88 -12.88 -15.79
CA VAL B 85 4.12 -12.44 -14.45
C VAL B 85 3.10 -13.00 -13.44
N ARG B 86 3.57 -13.37 -12.24
CA ARG B 86 2.68 -13.67 -11.10
C ARG B 86 2.40 -12.40 -10.29
N GLY B 87 1.41 -12.52 -9.40
CA GLY B 87 0.98 -11.41 -8.56
C GLY B 87 -0.14 -10.53 -9.11
N MET B 88 -0.69 -10.86 -10.27
CA MET B 88 -1.63 -9.97 -10.95
C MET B 88 -3.02 -9.92 -10.34
N LYS B 89 -3.23 -10.72 -9.31
CA LYS B 89 -4.43 -10.62 -8.49
C LYS B 89 -4.34 -9.32 -7.70
N LYS B 90 -3.15 -8.75 -7.71
CA LYS B 90 -2.84 -7.51 -7.02
C LYS B 90 -3.26 -6.34 -7.87
N LEU B 91 -3.31 -6.58 -9.17
CA LEU B 91 -3.65 -5.53 -10.10
C LEU B 91 -5.10 -5.16 -9.91
N ASP B 92 -5.94 -6.16 -9.70
CA ASP B 92 -7.37 -5.91 -9.58
C ASP B 92 -7.64 -5.13 -8.30
N ASN B 93 -6.93 -5.47 -7.24
CA ASN B 93 -7.01 -4.72 -6.00
C ASN B 93 -6.68 -3.24 -6.27
N TYR B 94 -5.50 -3.05 -6.85
CA TYR B 94 -4.98 -1.72 -7.11
C TYR B 94 -5.91 -0.86 -7.93
N LYS B 95 -6.27 -1.34 -9.11
CA LYS B 95 -7.21 -0.65 -9.98
C LYS B 95 -8.42 -0.18 -9.18
N LYS B 96 -9.08 -1.15 -8.57
CA LYS B 96 -10.21 -0.88 -7.70
C LYS B 96 -9.90 0.32 -6.81
N LYS B 97 -8.82 0.24 -6.06
CA LYS B 97 -8.49 1.31 -5.14
C LYS B 97 -8.29 2.66 -5.85
N ASP B 98 -7.70 2.67 -7.04
CA ASP B 98 -7.46 3.96 -7.70
C ASP B 98 -8.76 4.60 -8.09
N GLN B 99 -9.57 3.90 -8.86
CA GLN B 99 -10.86 4.46 -9.23
C GLN B 99 -11.55 4.95 -7.97
N GLU B 100 -11.57 4.06 -6.96
CA GLU B 100 -12.19 4.33 -5.68
C GLU B 100 -11.78 5.74 -5.24
N THR B 101 -10.54 6.12 -5.55
CA THR B 101 -10.07 7.44 -5.16
C THR B 101 -10.19 8.52 -6.25
N LYS B 102 -10.09 8.16 -7.53
CA LYS B 102 -10.20 9.23 -8.49
C LYS B 102 -11.56 9.85 -8.21
N ARG B 103 -12.40 9.08 -7.55
CA ARG B 103 -13.82 9.36 -7.41
C ARG B 103 -14.05 10.30 -6.26
N TRP B 104 -13.60 9.85 -5.10
CA TRP B 104 -13.58 10.63 -3.89
C TRP B 104 -13.11 12.03 -4.23
N LEU B 105 -12.17 12.08 -5.17
CA LEU B 105 -11.52 13.31 -5.56
C LEU B 105 -12.45 14.46 -6.03
N LYS B 106 -13.30 14.22 -7.04
CA LYS B 106 -14.21 15.26 -7.57
C LYS B 106 -15.14 15.90 -6.54
N ASN B 107 -15.17 15.36 -5.33
CA ASN B 107 -16.09 15.84 -4.32
C ASN B 107 -15.43 16.19 -3.00
N ALA B 108 -14.13 15.94 -2.90
CA ALA B 108 -13.42 16.22 -1.69
C ALA B 108 -13.22 17.70 -1.47
N SER B 109 -13.54 18.16 -0.28
CA SER B 109 -13.38 19.57 0.04
C SER B 109 -11.95 19.98 -0.27
N PRO B 110 -11.73 21.25 -0.60
CA PRO B 110 -10.37 21.77 -0.78
C PRO B 110 -9.44 21.38 0.36
N GLU B 111 -9.99 21.42 1.57
CA GLU B 111 -9.21 21.12 2.74
C GLU B 111 -8.60 19.76 2.48
N ASP B 112 -9.47 18.78 2.20
CA ASP B 112 -9.08 17.38 1.97
C ASP B 112 -8.16 17.19 0.77
N VAL B 113 -8.33 18.02 -0.25
CA VAL B 113 -7.53 17.87 -1.45
C VAL B 113 -6.10 18.39 -1.29
N GLU B 114 -5.94 19.49 -0.56
CA GLU B 114 -4.61 19.89 -0.14
C GLU B 114 -3.90 18.76 0.63
N TYR B 115 -4.51 18.25 1.68
CA TYR B 115 -3.87 17.19 2.46
C TYR B 115 -3.40 16.08 1.52
N TYR B 116 -4.31 15.54 0.75
CA TYR B 116 -3.98 14.54 -0.25
C TYR B 116 -2.76 14.94 -1.07
N ASN B 117 -2.77 16.18 -1.53
CA ASN B 117 -1.69 16.66 -2.36
C ASN B 117 -0.37 16.67 -1.59
N CYS B 118 -0.38 17.10 -0.34
CA CYS B 118 0.88 17.24 0.39
C CYS B 118 1.51 15.90 0.62
N GLN B 119 0.72 15.01 1.21
CA GLN B 119 1.14 13.66 1.49
C GLN B 119 1.60 12.89 0.25
N GLN B 120 0.82 12.94 -0.80
CA GLN B 120 1.25 12.23 -1.98
C GLN B 120 2.55 12.82 -2.52
N GLU B 121 2.82 14.09 -2.21
CA GLU B 121 4.10 14.68 -2.62
C GLU B 121 5.26 14.04 -1.86
N LEU B 122 5.10 13.92 -0.53
CA LEU B 122 6.08 13.29 0.35
C LEU B 122 6.27 11.84 0.01
N THR B 123 5.25 11.06 0.26
CA THR B 123 5.25 9.70 -0.15
C THR B 123 6.08 9.55 -1.42
N ASP B 124 5.86 10.47 -2.35
CA ASP B 124 6.45 10.29 -3.65
C ASP B 124 7.94 10.54 -3.58
N ASP B 125 8.37 11.45 -2.72
CA ASP B 125 9.80 11.69 -2.57
C ASP B 125 10.53 10.56 -1.87
N LEU B 126 9.96 10.06 -0.78
CA LEU B 126 10.33 8.76 -0.22
C LEU B 126 10.60 7.72 -1.29
N HIS B 127 9.58 7.48 -2.11
CA HIS B 127 9.70 6.39 -3.05
C HIS B 127 10.90 6.60 -3.99
N LYS B 128 11.43 7.83 -3.98
CA LYS B 128 12.53 8.18 -4.88
C LYS B 128 13.92 8.01 -4.28
N GLN B 129 14.04 8.17 -2.97
CA GLN B 129 15.24 7.84 -2.25
C GLN B 129 15.60 6.40 -2.54
N TYR B 130 14.61 5.53 -2.32
CA TYR B 130 14.73 4.09 -2.47
C TYR B 130 15.67 3.75 -3.59
N GLN B 131 15.74 4.59 -4.60
CA GLN B 131 16.55 4.26 -5.76
C GLN B 131 17.88 4.92 -5.70
N ILE B 132 18.24 5.45 -4.55
CA ILE B 132 19.58 6.02 -4.44
C ILE B 132 20.38 5.42 -3.27
N VAL B 133 21.60 5.04 -3.62
CA VAL B 133 22.51 4.40 -2.73
C VAL B 133 22.80 5.37 -1.64
N GLY B 134 22.69 4.89 -0.40
CA GLY B 134 23.03 5.67 0.78
C GLY B 134 24.45 5.35 1.23
N ARG B 135 24.81 4.09 1.06
CA ARG B 135 26.10 3.60 1.48
C ARG B 135 26.31 2.22 0.85
N ILE B 136 27.46 1.99 0.21
CA ILE B 136 27.81 0.63 -0.19
C ILE B 136 28.60 0.00 0.92
N ILE B 137 28.17 -1.18 1.35
CA ILE B 137 28.67 -1.74 2.58
C ILE B 137 29.51 -2.95 2.33
N ALA B 138 29.43 -3.53 1.14
CA ALA B 138 30.28 -4.65 0.81
C ALA B 138 30.54 -4.66 -0.68
N HIS B 139 31.33 -5.63 -1.12
CA HIS B 139 31.70 -5.74 -2.54
C HIS B 139 32.26 -7.15 -2.86
N SER B 140 32.19 -7.57 -4.12
CA SER B 140 32.56 -8.92 -4.48
C SER B 140 33.98 -9.04 -5.01
N ASN B 141 34.37 -10.26 -5.34
CA ASN B 141 35.68 -10.52 -5.94
C ASN B 141 35.54 -10.88 -7.43
N GLN B 142 34.51 -11.66 -7.78
CA GLN B 142 34.13 -11.80 -9.18
C GLN B 142 34.04 -10.39 -9.77
N LYS B 143 34.87 -10.12 -10.78
CA LYS B 143 35.06 -8.76 -11.29
C LYS B 143 34.62 -8.63 -12.77
N GLY B 147 35.71 -4.83 -16.38
CA GLY B 147 35.92 -3.91 -15.24
C GLY B 147 35.55 -4.28 -13.78
N TYR B 148 34.29 -4.57 -13.52
CA TYR B 148 33.75 -4.21 -12.19
C TYR B 148 33.45 -5.32 -11.22
N PRO B 149 33.54 -4.99 -9.93
CA PRO B 149 33.02 -5.83 -8.87
C PRO B 149 31.58 -5.45 -8.64
N ASP B 150 30.82 -6.39 -8.08
CA ASP B 150 29.43 -6.12 -7.67
C ASP B 150 29.46 -5.42 -6.33
N TYR B 151 28.39 -4.71 -6.00
CA TYR B 151 28.34 -3.94 -4.77
C TYR B 151 27.07 -4.19 -3.99
N TYR B 152 27.20 -4.34 -2.68
CA TYR B 152 26.06 -4.49 -1.79
C TYR B 152 25.69 -3.08 -1.33
N CYS B 153 24.42 -2.71 -1.47
CA CYS B 153 24.02 -1.32 -1.22
C CYS B 153 22.93 -1.12 -0.17
N LYS B 154 23.19 -0.19 0.73
CA LYS B 154 22.15 0.32 1.59
C LYS B 154 21.51 1.41 0.76
N TRP B 155 20.18 1.32 0.64
CA TRP B 155 19.37 2.32 -0.05
C TRP B 155 18.79 3.30 0.93
N GLN B 156 18.84 4.57 0.56
CA GLN B 156 18.34 5.59 1.47
C GLN B 156 16.90 5.31 1.77
N GLY B 157 16.47 5.65 2.96
CA GLY B 157 15.09 5.50 3.33
C GLY B 157 14.64 4.08 3.56
N LEU B 158 15.53 3.10 3.45
CA LEU B 158 15.17 1.72 3.80
C LEU B 158 16.16 0.99 4.70
N PRO B 159 15.66 -0.02 5.40
CA PRO B 159 16.38 -0.96 6.26
C PRO B 159 17.49 -1.65 5.56
N TYR B 160 18.48 -2.12 6.33
CA TYR B 160 19.52 -3.00 5.81
C TYR B 160 18.90 -4.32 5.36
N SER B 161 17.69 -4.61 5.83
CA SER B 161 17.03 -5.84 5.46
C SER B 161 16.76 -5.83 3.96
N GLU B 162 16.91 -4.65 3.34
CA GLU B 162 16.63 -4.46 1.90
C GLU B 162 17.89 -4.10 1.12
N CYS B 163 19.06 -4.28 1.71
CA CYS B 163 20.27 -4.21 0.96
C CYS B 163 20.19 -5.20 -0.19
N SER B 164 20.74 -4.81 -1.34
CA SER B 164 20.75 -5.65 -2.51
C SER B 164 22.10 -5.54 -3.22
N TRP B 165 22.57 -6.64 -3.83
CA TRP B 165 23.79 -6.68 -4.67
C TRP B 165 23.50 -6.14 -6.04
N GLU B 166 24.33 -5.22 -6.51
CA GLU B 166 24.06 -4.59 -7.79
C GLU B 166 25.26 -4.65 -8.73
N ASP B 167 25.02 -4.52 -10.03
CA ASP B 167 26.12 -4.42 -10.99
C ASP B 167 26.98 -3.22 -10.65
N GLY B 168 28.29 -3.41 -10.73
CA GLY B 168 29.20 -2.27 -10.60
C GLY B 168 28.85 -1.41 -11.78
N ALA B 169 29.83 -0.81 -12.41
CA ALA B 169 29.55 -0.23 -13.72
C ALA B 169 28.31 0.64 -13.62
N LEU B 170 27.16 -0.06 -13.65
CA LEU B 170 25.88 0.56 -13.38
C LEU B 170 25.92 1.47 -12.15
N ILE B 171 26.29 0.91 -11.00
CA ILE B 171 26.33 1.67 -9.75
C ILE B 171 27.32 2.84 -9.86
N SER B 172 28.47 2.53 -10.45
CA SER B 172 29.49 3.54 -10.66
C SER B 172 29.07 4.69 -11.61
N LYS B 173 27.98 4.53 -12.36
CA LYS B 173 27.62 5.55 -13.35
C LYS B 173 27.02 6.75 -12.66
N LYS B 174 26.49 6.53 -11.47
CA LYS B 174 25.73 7.55 -10.75
C LYS B 174 26.22 7.65 -9.31
N PHE B 175 26.83 6.58 -8.83
CA PHE B 175 27.15 6.48 -7.41
C PHE B 175 28.63 6.21 -7.10
N GLN B 176 29.53 6.75 -7.91
CA GLN B 176 30.97 6.63 -7.59
C GLN B 176 31.37 7.23 -6.23
N ALA B 177 30.88 8.43 -5.90
CA ALA B 177 31.27 9.08 -4.64
C ALA B 177 31.09 8.11 -3.48
N CYS B 178 30.05 7.30 -3.57
CA CYS B 178 29.76 6.35 -2.51
C CYS B 178 30.78 5.22 -2.47
N ILE B 179 31.30 4.86 -3.65
CA ILE B 179 32.23 3.76 -3.70
C ILE B 179 33.63 4.28 -3.40
N ASP B 180 33.89 5.52 -3.80
CA ASP B 180 35.15 6.12 -3.45
C ASP B 180 35.30 6.13 -1.93
N GLU B 181 34.21 6.49 -1.25
CA GLU B 181 34.23 6.60 0.20
C GLU B 181 34.50 5.25 0.83
N TYR B 182 33.64 4.29 0.46
CA TYR B 182 33.72 2.92 0.95
C TYR B 182 35.13 2.32 0.93
N PHE B 183 35.93 2.56 -0.10
CA PHE B 183 37.31 2.08 -0.05
C PHE B 183 38.13 2.92 0.95
N SER B 184 37.67 2.91 2.20
CA SER B 184 38.32 3.57 3.31
C SER B 184 38.81 2.50 4.24
N ARG B 185 39.92 1.86 3.84
CA ARG B 185 40.79 1.16 4.77
C ARG B 185 42.18 1.53 4.33
N PHE C 13 -41.39 10.94 -14.12
CA PHE C 13 -40.38 11.98 -13.97
C PHE C 13 -38.99 11.37 -13.89
N GLU C 14 -37.99 12.22 -13.96
CA GLU C 14 -36.62 11.85 -13.63
C GLU C 14 -35.95 11.16 -14.79
N THR C 15 -34.89 11.75 -15.23
CA THR C 15 -34.28 11.43 -16.51
C THR C 15 -32.79 11.14 -16.35
N ILE C 16 -32.35 10.02 -16.81
CA ILE C 16 -30.94 9.86 -17.01
C ILE C 16 -30.42 10.86 -18.01
N GLU C 17 -29.52 11.72 -17.60
CA GLU C 17 -28.81 12.56 -18.55
C GLU C 17 -27.47 11.92 -18.96
N ARG C 18 -26.89 11.09 -18.08
CA ARG C 18 -25.63 10.43 -18.37
C ARG C 18 -25.24 9.34 -17.35
N PHE C 19 -24.65 8.26 -17.86
CA PHE C 19 -24.01 7.24 -17.04
C PHE C 19 -22.58 7.71 -16.78
N MET C 20 -22.22 7.97 -15.53
CA MET C 20 -20.89 8.49 -15.24
C MET C 20 -19.87 7.41 -14.96
N ASP C 21 -20.27 6.31 -14.36
CA ASP C 21 -19.30 5.36 -13.87
C ASP C 21 -19.98 3.99 -13.79
N CYS C 22 -19.30 3.01 -13.24
CA CYS C 22 -19.93 1.73 -13.06
C CYS C 22 -19.06 0.92 -12.10
N ARG C 23 -19.66 -0.01 -11.40
CA ARG C 23 -18.93 -0.75 -10.37
C ARG C 23 -19.66 -2.03 -9.96
N ILE C 24 -18.95 -2.91 -9.25
CA ILE C 24 -19.66 -3.92 -8.48
C ILE C 24 -19.82 -3.46 -7.03
N GLY C 25 -21.05 -3.37 -6.55
CA GLY C 25 -21.23 -3.03 -5.15
C GLY C 25 -22.18 -3.88 -4.36
N ARG C 26 -22.07 -3.75 -3.04
CA ARG C 26 -23.04 -4.33 -2.12
C ARG C 26 -24.47 -4.14 -2.62
N LYS C 27 -25.18 -5.23 -2.82
CA LYS C 27 -26.63 -5.15 -3.07
C LYS C 27 -27.21 -4.20 -2.05
N GLY C 28 -28.13 -3.35 -2.48
CA GLY C 28 -28.81 -2.43 -1.60
C GLY C 28 -28.09 -1.11 -1.50
N ALA C 29 -26.83 -1.08 -1.93
CA ALA C 29 -26.04 0.15 -1.86
C ALA C 29 -26.37 1.07 -3.01
N THR C 30 -27.66 1.40 -3.15
CA THR C 30 -28.18 2.30 -4.22
C THR C 30 -29.14 3.40 -3.73
N GLY C 31 -29.63 4.18 -4.67
CA GLY C 31 -30.54 5.27 -4.39
C GLY C 31 -30.03 6.41 -3.49
N ALA C 32 -31.01 7.06 -2.87
CA ALA C 32 -30.78 8.31 -2.10
C ALA C 32 -29.62 8.23 -1.13
N THR C 33 -29.37 7.04 -0.58
CA THR C 33 -28.29 6.87 0.39
C THR C 33 -26.92 6.85 -0.24
N THR C 34 -26.82 7.06 -1.54
CA THR C 34 -25.53 7.16 -2.20
C THR C 34 -25.18 8.55 -2.73
N THR C 35 -25.99 9.57 -2.50
CA THR C 35 -25.55 10.93 -2.84
C THR C 35 -24.32 11.24 -2.04
N ILE C 36 -23.44 12.11 -2.51
CA ILE C 36 -22.30 12.47 -1.67
C ILE C 36 -22.73 13.03 -0.36
N TYR C 37 -23.78 13.83 -0.35
CA TYR C 37 -24.22 14.45 0.89
C TYR C 37 -24.85 13.44 1.85
N ALA C 38 -25.46 12.37 1.31
CA ALA C 38 -25.99 11.28 2.14
C ALA C 38 -24.84 10.45 2.71
N VAL C 39 -23.83 10.20 1.87
CA VAL C 39 -22.68 9.44 2.33
C VAL C 39 -21.91 10.16 3.41
N GLU C 40 -21.53 11.41 3.11
CA GLU C 40 -20.86 12.23 4.08
C GLU C 40 -21.76 12.40 5.28
N ALA C 41 -23.07 12.55 5.08
CA ALA C 41 -23.95 12.60 6.25
C ALA C 41 -23.98 11.28 7.04
N ASP C 42 -24.43 10.17 6.43
CA ASP C 42 -24.75 9.00 7.26
C ASP C 42 -23.92 7.76 6.96
N GLY C 43 -22.85 7.95 6.20
CA GLY C 43 -21.92 6.89 5.95
C GLY C 43 -22.09 6.45 4.54
N ASP C 44 -21.09 5.74 4.00
CA ASP C 44 -21.23 5.09 2.70
C ASP C 44 -21.81 3.73 2.97
N PRO C 45 -22.92 3.36 2.33
CA PRO C 45 -23.45 1.98 2.42
C PRO C 45 -22.68 0.96 1.62
N ASN C 46 -21.75 1.38 0.78
CA ASN C 46 -20.93 0.40 0.11
C ASN C 46 -19.68 0.23 0.92
N ALA C 47 -19.85 0.21 2.24
CA ALA C 47 -18.82 0.72 3.15
C ALA C 47 -17.98 -0.42 3.72
N GLY C 48 -17.83 -1.48 2.93
CA GLY C 48 -16.67 -2.35 3.04
C GLY C 48 -16.46 -3.21 1.80
N PHE C 49 -17.28 -2.96 0.78
CA PHE C 49 -17.78 -4.02 -0.05
C PHE C 49 -16.62 -4.71 -0.70
N GLU C 50 -16.82 -5.99 -1.00
CA GLU C 50 -15.84 -6.76 -1.74
C GLU C 50 -16.51 -8.00 -2.30
N LYS C 51 -15.94 -8.54 -3.38
CA LYS C 51 -16.51 -9.65 -4.13
C LYS C 51 -16.67 -10.97 -3.35
N ASN C 52 -16.79 -10.89 -2.03
CA ASN C 52 -17.06 -12.07 -1.20
C ASN C 52 -18.26 -11.88 -0.24
N LYS C 53 -19.19 -11.02 -0.61
CA LYS C 53 -20.46 -10.94 0.09
C LYS C 53 -21.51 -11.07 -1.00
N GLU C 54 -22.67 -11.63 -0.65
CA GLU C 54 -23.62 -12.07 -1.66
C GLU C 54 -24.66 -11.02 -2.04
N PRO C 55 -24.22 -9.77 -2.23
CA PRO C 55 -24.97 -8.76 -2.92
C PRO C 55 -24.29 -8.47 -4.24
N GLY C 56 -22.99 -8.19 -4.18
CA GLY C 56 -22.24 -7.89 -5.38
C GLY C 56 -23.19 -7.77 -6.55
N GLU C 57 -23.69 -6.55 -6.76
CA GLU C 57 -24.53 -6.26 -7.91
C GLU C 57 -23.69 -5.44 -8.84
N ILE C 58 -24.30 -5.06 -9.96
CA ILE C 58 -23.70 -4.09 -10.85
C ILE C 58 -24.40 -2.76 -10.70
N GLN C 59 -23.61 -1.73 -10.45
CA GLN C 59 -24.18 -0.43 -10.10
C GLN C 59 -23.67 0.64 -11.04
N TYR C 60 -24.59 1.43 -11.56
CA TYR C 60 -24.21 2.46 -12.50
C TYR C 60 -24.40 3.77 -11.83
N LEU C 61 -23.37 4.60 -11.87
CA LEU C 61 -23.47 5.95 -11.32
C LEU C 61 -24.18 6.86 -12.31
N ILE C 62 -25.42 7.26 -12.00
CA ILE C 62 -26.25 7.97 -12.97
C ILE C 62 -26.55 9.41 -12.60
N LYS C 63 -25.76 10.34 -13.09
CA LYS C 63 -26.19 11.74 -13.19
C LYS C 63 -27.59 11.94 -13.83
N TRP C 64 -28.40 12.81 -13.22
CA TRP C 64 -29.77 13.03 -13.60
C TRP C 64 -30.02 14.41 -14.21
N LYS C 65 -30.84 14.41 -15.24
CA LYS C 65 -31.34 15.63 -15.85
C LYS C 65 -31.91 16.56 -14.79
N GLY C 66 -31.48 17.83 -14.83
CA GLY C 66 -32.03 18.90 -13.98
C GLY C 66 -31.53 18.79 -12.56
N TRP C 67 -30.50 18.01 -12.33
CA TRP C 67 -29.82 18.03 -11.06
C TRP C 67 -28.34 17.96 -11.34
N SER C 68 -27.59 18.65 -10.50
CA SER C 68 -26.20 18.86 -10.71
C SER C 68 -25.55 17.64 -10.12
N HIS C 69 -24.25 17.52 -10.31
CA HIS C 69 -23.55 16.29 -10.04
C HIS C 69 -23.62 15.80 -8.61
N ILE C 70 -23.71 16.71 -7.65
CA ILE C 70 -23.78 16.29 -6.22
C ILE C 70 -24.95 15.33 -5.96
N HIS C 71 -25.97 15.41 -6.82
CA HIS C 71 -27.15 14.57 -6.65
C HIS C 71 -27.03 13.23 -7.36
N ASN C 72 -25.88 12.96 -7.96
CA ASN C 72 -25.79 11.77 -8.77
C ASN C 72 -25.95 10.60 -7.85
N THR C 73 -26.60 9.53 -8.31
CA THR C 73 -26.77 8.34 -7.48
C THR C 73 -26.36 7.01 -8.13
N TRP C 74 -26.02 6.03 -7.30
CA TRP C 74 -25.75 4.67 -7.81
C TRP C 74 -27.05 3.88 -7.94
N GLU C 75 -27.39 3.49 -9.16
CA GLU C 75 -28.55 2.65 -9.33
C GLU C 75 -28.18 1.35 -10.06
N THR C 76 -29.23 0.69 -10.52
CA THR C 76 -29.18 -0.65 -10.99
C THR C 76 -30.30 -0.82 -12.00
N GLU C 77 -30.08 -1.62 -13.05
CA GLU C 77 -31.17 -1.98 -13.96
C GLU C 77 -32.54 -1.98 -13.27
N GLU C 78 -32.71 -2.89 -12.30
CA GLU C 78 -33.97 -2.99 -11.54
C GLU C 78 -34.35 -1.66 -10.88
N THR C 79 -33.38 -0.97 -10.29
CA THR C 79 -33.70 0.26 -9.55
C THR C 79 -34.23 1.31 -10.50
N LEU C 80 -33.58 1.50 -11.64
CA LEU C 80 -34.09 2.39 -12.69
C LEU C 80 -35.48 1.89 -13.08
N LYS C 81 -35.51 0.82 -13.85
CA LYS C 81 -36.77 0.15 -14.12
C LYS C 81 -37.83 0.63 -13.12
N GLN C 82 -37.80 0.06 -11.92
CA GLN C 82 -38.89 0.22 -10.97
C GLN C 82 -39.15 1.68 -10.55
N GLN C 83 -38.27 2.62 -10.92
CA GLN C 83 -38.56 4.06 -10.71
C GLN C 83 -39.18 4.68 -11.95
N ASN C 84 -38.95 4.05 -13.10
CA ASN C 84 -39.57 4.46 -14.38
C ASN C 84 -38.97 5.72 -14.99
N VAL C 85 -37.69 5.96 -14.72
CA VAL C 85 -36.99 7.05 -15.35
C VAL C 85 -37.02 6.86 -16.86
N ARG C 86 -36.92 7.95 -17.61
CA ARG C 86 -36.66 7.79 -19.03
C ARG C 86 -35.16 7.83 -19.19
N GLY C 87 -34.69 7.54 -20.40
CA GLY C 87 -33.26 7.52 -20.66
C GLY C 87 -32.68 6.12 -20.78
N MET C 88 -33.50 5.11 -20.50
CA MET C 88 -33.06 3.72 -20.57
C MET C 88 -32.19 3.37 -21.77
N LYS C 89 -32.58 3.83 -22.94
CA LYS C 89 -31.71 3.73 -24.12
C LYS C 89 -30.24 3.86 -23.71
N LYS C 90 -29.92 4.98 -23.06
CA LYS C 90 -28.59 5.19 -22.49
C LYS C 90 -27.99 3.92 -21.87
N LEU C 91 -28.73 3.28 -20.98
CA LEU C 91 -28.29 2.03 -20.36
C LEU C 91 -27.84 1.02 -21.42
N ASP C 92 -28.72 0.74 -22.37
CA ASP C 92 -28.39 -0.14 -23.50
C ASP C 92 -27.03 0.16 -24.06
N ASN C 93 -26.84 1.45 -24.33
CA ASN C 93 -25.62 1.96 -24.94
C ASN C 93 -24.42 1.87 -23.99
N TYR C 94 -24.66 2.10 -22.73
CA TYR C 94 -23.59 1.92 -21.78
C TYR C 94 -23.26 0.43 -21.60
N LYS C 95 -24.31 -0.40 -21.49
CA LYS C 95 -24.11 -1.85 -21.46
C LYS C 95 -23.31 -2.20 -22.70
N LYS C 96 -22.00 -2.32 -22.51
CA LYS C 96 -21.08 -2.41 -23.63
C LYS C 96 -19.65 -2.61 -23.15
N LYS C 97 -18.83 -3.22 -23.99
CA LYS C 97 -17.42 -3.42 -23.67
C LYS C 97 -16.83 -4.66 -24.36
N ALA D 1 -14.16 -3.52 10.07
CA ALA D 1 -14.52 -4.89 10.54
C ALA D 1 -13.23 -5.65 10.62
N ARG D 2 -13.29 -6.88 11.10
CA ARG D 2 -12.10 -7.74 11.22
C ARG D 2 -10.96 -7.12 12.03
N THR D 3 -10.87 -7.49 13.32
CA THR D 3 -9.68 -7.18 14.09
C THR D 3 -9.09 -8.50 14.54
N GLN D 5 -8.99 -8.88 17.69
CA GLN D 5 -9.48 -8.75 19.06
C GLN D 5 -10.06 -10.08 19.56
N THR D 6 -9.16 -11.05 19.68
CA THR D 6 -9.36 -12.27 20.45
C THR D 6 -10.08 -11.95 21.79
#